data_6SEO
#
_entry.id   6SEO
#
_cell.length_a   135.850
_cell.length_b   135.850
_cell.length_c   88.720
_cell.angle_alpha   90.000
_cell.angle_beta   90.000
_cell.angle_gamma   120.000
#
_symmetry.space_group_name_H-M   'H 3 2'
#
loop_
_entity.id
_entity.type
_entity.pdbx_description
1 polymer 'Transcriptional enhancer factor TEF-3'
2 polymer 'Protein FAM181B'
3 water water
#
loop_
_entity_poly.entity_id
_entity_poly.type
_entity_poly.pdbx_seq_one_letter_code
_entity_poly.pdbx_strand_id
1 'polypeptide(L)'
;GPRSVASSKLWMLEFSAFLEQQQDPDTYNKHLFVHIGQSSPSYSDPYLEAVDIRQIYDKFPEKKGGLKDLFERGPSNAFF
LVKFWADLNTNIEDEGSSFYGVSSQYESPENMIITCSTKVCSFGKQVVE(MYK)VETEYARYENGHYSYRIHRSPLCEYM
INFIHKLKHLPEKYMMNSVLENFTILQVVTNRDTQETLLCIAYVFEVSASEHGAQHHIYRLVKE
;
A
2 'polypeptide(L)' (ACE)VPLRARNLPPSFFTEP(NH2) L
#
loop_
_chem_comp.id
_chem_comp.type
_chem_comp.name
_chem_comp.formula
ACE non-polymer 'ACETYL GROUP' 'C2 H4 O'
NH2 non-polymer 'AMINO GROUP' 'H2 N'
#
# COMPACT_ATOMS: atom_id res chain seq x y z
N PRO A 2 13.22 8.04 -9.27
CA PRO A 2 12.78 8.16 -10.68
C PRO A 2 11.33 7.67 -10.88
N ARG A 3 11.16 6.34 -10.78
CA ARG A 3 9.88 5.61 -10.81
C ARG A 3 9.69 5.02 -9.38
N SER A 4 10.53 5.49 -8.43
CA SER A 4 10.54 5.06 -7.04
C SER A 4 9.50 5.76 -6.17
N VAL A 5 9.04 5.08 -5.10
CA VAL A 5 8.11 5.62 -4.11
C VAL A 5 9.03 6.30 -3.11
N ALA A 6 9.45 7.55 -3.45
CA ALA A 6 10.38 8.32 -2.65
C ALA A 6 10.04 9.80 -2.59
N SER A 7 10.10 10.35 -1.39
CA SER A 7 9.91 11.75 -1.13
C SER A 7 11.28 12.39 -1.12
N SER A 8 11.40 13.52 -0.44
CA SER A 8 12.67 14.21 -0.27
C SER A 8 13.54 13.56 0.84
N LYS A 9 12.89 12.93 1.87
CA LYS A 9 13.54 12.40 3.07
C LYS A 9 13.52 10.88 3.23
N LEU A 10 12.49 10.20 2.69
CA LEU A 10 12.29 8.75 2.79
C LEU A 10 11.99 8.11 1.44
N TRP A 11 12.49 6.90 1.24
CA TRP A 11 12.33 6.11 0.04
C TRP A 11 11.97 4.70 0.44
N MET A 12 10.85 4.16 -0.14
CA MET A 12 10.36 2.80 0.07
C MET A 12 10.85 1.96 -1.11
N LEU A 13 11.89 1.13 -0.81
CA LEU A 13 12.63 0.22 -1.71
C LEU A 13 11.82 -1.06 -2.03
N GLU A 14 11.11 -1.58 -1.01
CA GLU A 14 10.39 -2.83 -1.05
C GLU A 14 9.14 -2.75 -0.16
N PHE A 15 8.06 -3.40 -0.64
CA PHE A 15 6.77 -3.57 0.05
C PHE A 15 6.20 -4.88 -0.43
N SER A 16 5.64 -5.70 0.49
CA SER A 16 5.05 -6.98 0.11
C SER A 16 4.13 -7.58 1.16
N ALA A 17 2.93 -8.04 0.74
CA ALA A 17 1.97 -8.71 1.61
C ALA A 17 2.02 -10.16 1.20
N PHE A 18 1.91 -11.09 2.16
CA PHE A 18 2.11 -12.50 1.86
C PHE A 18 1.48 -13.45 2.87
N LEU A 19 1.32 -14.72 2.45
CA LEU A 19 0.86 -15.83 3.25
C LEU A 19 1.94 -16.89 3.21
N GLU A 20 2.43 -17.28 4.38
CA GLU A 20 3.46 -18.27 4.56
C GLU A 20 2.90 -19.48 5.30
N GLN A 21 2.87 -20.64 4.61
CA GLN A 21 2.38 -21.91 5.16
C GLN A 21 3.51 -22.87 5.46
N GLN A 22 3.43 -23.50 6.61
CA GLN A 22 4.40 -24.48 7.05
C GLN A 22 3.92 -25.86 6.61
N GLN A 23 4.57 -26.40 5.54
CA GLN A 23 4.27 -27.71 4.95
C GLN A 23 4.71 -28.80 5.90
N ASP A 24 5.94 -28.68 6.42
CA ASP A 24 6.55 -29.60 7.37
C ASP A 24 7.47 -28.83 8.37
N PRO A 25 8.33 -29.49 9.20
CA PRO A 25 9.10 -28.70 10.21
C PRO A 25 10.15 -27.71 9.66
N ASP A 26 10.69 -28.00 8.45
CA ASP A 26 11.71 -27.22 7.73
C ASP A 26 11.27 -26.68 6.37
N THR A 27 9.99 -26.90 5.96
CA THR A 27 9.50 -26.39 4.69
C THR A 27 8.39 -25.37 4.85
N TYR A 28 8.55 -24.24 4.16
CA TYR A 28 7.68 -23.08 4.14
C TYR A 28 7.38 -22.63 2.74
N ASN A 29 6.09 -22.55 2.41
CA ASN A 29 5.66 -22.02 1.13
C ASN A 29 5.23 -20.59 1.35
N LYS A 30 5.72 -19.65 0.52
CA LYS A 30 5.39 -18.23 0.62
C LYS A 30 4.68 -17.78 -0.62
N HIS A 31 3.49 -17.17 -0.45
CA HIS A 31 2.72 -16.64 -1.54
C HIS A 31 2.67 -15.15 -1.40
N LEU A 32 3.11 -14.44 -2.45
CA LEU A 32 3.07 -12.99 -2.52
C LEU A 32 1.74 -12.49 -3.12
N PHE A 33 0.98 -11.70 -2.34
CA PHE A 33 -0.29 -11.12 -2.79
C PHE A 33 0.00 -9.89 -3.64
N VAL A 34 0.78 -8.96 -3.09
CA VAL A 34 1.23 -7.72 -3.73
C VAL A 34 2.72 -7.53 -3.39
N HIS A 35 3.45 -6.90 -4.31
CA HIS A 35 4.86 -6.57 -4.16
C HIS A 35 5.27 -5.37 -5.00
N ILE A 36 6.16 -4.57 -4.44
CA ILE A 36 6.92 -3.46 -5.00
C ILE A 36 8.36 -3.87 -4.55
N GLY A 37 9.35 -3.79 -5.44
CA GLY A 37 10.73 -4.12 -5.16
C GLY A 37 11.30 -5.20 -6.06
N PRO A 46 8.96 4.46 -17.62
CA PRO A 46 9.71 5.60 -18.20
C PRO A 46 9.83 6.80 -17.25
N TYR A 47 8.71 7.11 -16.55
CA TYR A 47 8.47 8.21 -15.59
C TYR A 47 7.12 7.90 -14.88
N LEU A 48 6.86 8.51 -13.71
CA LEU A 48 5.61 8.27 -12.99
C LEU A 48 4.45 9.13 -13.51
N GLU A 49 3.35 8.50 -13.93
CA GLU A 49 2.16 9.20 -14.39
C GLU A 49 1.55 9.97 -13.21
N ALA A 50 0.95 11.16 -13.46
CA ALA A 50 0.33 12.00 -12.44
C ALA A 50 -1.14 11.68 -12.32
N VAL A 51 -1.70 11.87 -11.12
CA VAL A 51 -3.11 11.60 -10.82
C VAL A 51 -3.69 12.76 -10.01
N ASP A 52 -4.92 13.19 -10.36
CA ASP A 52 -5.62 14.25 -9.65
C ASP A 52 -6.16 13.64 -8.37
N ILE A 53 -5.58 14.06 -7.23
CA ILE A 53 -5.96 13.58 -5.90
C ILE A 53 -7.47 13.73 -5.66
N ARG A 54 -8.13 14.78 -6.22
CA ARG A 54 -9.57 14.97 -6.02
C ARG A 54 -10.42 13.87 -6.74
N GLN A 55 -9.76 12.92 -7.45
CA GLN A 55 -10.46 11.81 -8.08
C GLN A 55 -10.64 10.67 -7.11
N ILE A 56 -9.75 10.57 -6.10
CA ILE A 56 -9.77 9.50 -5.09
C ILE A 56 -10.21 9.99 -3.69
N TYR A 57 -10.19 11.32 -3.44
CA TYR A 57 -10.54 12.01 -2.17
C TYR A 57 -11.67 11.37 -1.35
N ASP A 58 -12.85 11.10 -1.98
CA ASP A 58 -14.02 10.51 -1.32
C ASP A 58 -13.80 9.06 -0.85
N LYS A 59 -12.92 8.28 -1.54
CA LYS A 59 -12.58 6.88 -1.25
C LYS A 59 -11.81 6.74 0.07
N PHE A 60 -11.30 7.87 0.57
CA PHE A 60 -10.52 7.98 1.82
C PHE A 60 -11.23 8.92 2.82
N PRO A 61 -11.01 8.76 4.15
CA PRO A 61 -11.76 9.58 5.11
C PRO A 61 -11.39 11.05 5.11
N GLU A 62 -12.43 11.90 5.09
CA GLU A 62 -12.29 13.35 5.11
C GLU A 62 -12.44 13.76 6.55
N LYS A 63 -11.33 14.20 7.16
CA LYS A 63 -11.21 14.61 8.56
C LYS A 63 -9.83 15.24 8.79
N LYS A 64 -9.62 15.87 9.96
CA LYS A 64 -8.32 16.44 10.32
C LYS A 64 -7.46 15.21 10.57
N GLY A 65 -6.40 15.10 9.76
CA GLY A 65 -5.47 13.97 9.74
C GLY A 65 -5.68 13.13 8.48
N GLY A 66 -6.78 13.44 7.77
CA GLY A 66 -7.24 12.82 6.53
C GLY A 66 -6.31 13.05 5.36
N LEU A 67 -6.64 12.46 4.21
CA LEU A 67 -5.76 12.55 3.05
C LEU A 67 -5.67 13.98 2.48
N LYS A 68 -6.82 14.67 2.29
CA LYS A 68 -6.92 16.05 1.80
C LYS A 68 -6.13 16.98 2.73
N ASP A 69 -6.32 16.81 4.07
CA ASP A 69 -5.63 17.60 5.10
C ASP A 69 -4.12 17.35 5.06
N LEU A 70 -3.69 16.11 4.79
CA LEU A 70 -2.26 15.79 4.72
C LEU A 70 -1.60 16.31 3.46
N PHE A 71 -2.26 16.14 2.30
CA PHE A 71 -1.80 16.66 1.00
C PHE A 71 -1.63 18.20 1.06
N GLU A 72 -2.65 18.91 1.56
CA GLU A 72 -2.64 20.37 1.68
C GLU A 72 -1.56 20.91 2.64
N ARG A 73 -1.08 20.08 3.60
CA ARG A 73 -0.04 20.48 4.55
C ARG A 73 1.37 20.17 4.02
N GLY A 74 1.45 19.28 3.03
CA GLY A 74 2.69 18.91 2.34
C GLY A 74 3.66 17.99 3.08
N PRO A 75 4.83 17.69 2.47
CA PRO A 75 5.31 18.10 1.14
C PRO A 75 4.62 17.29 0.05
N SER A 76 4.19 17.97 -1.03
CA SER A 76 3.49 17.32 -2.14
C SER A 76 4.32 16.24 -2.88
N ASN A 77 5.67 16.24 -2.68
CA ASN A 77 6.58 15.26 -3.30
C ASN A 77 6.55 13.89 -2.65
N ALA A 78 5.83 13.76 -1.51
CA ALA A 78 5.70 12.56 -0.68
C ALA A 78 4.40 11.75 -0.92
N PHE A 79 3.51 12.23 -1.81
CA PHE A 79 2.21 11.61 -2.13
C PHE A 79 2.22 10.76 -3.38
N PHE A 80 1.80 9.50 -3.22
CA PHE A 80 1.72 8.51 -4.31
C PHE A 80 0.43 7.78 -4.21
N LEU A 81 -0.02 7.26 -5.35
CA LEU A 81 -1.17 6.40 -5.44
C LEU A 81 -0.67 5.12 -6.09
N VAL A 82 -0.83 3.98 -5.39
CA VAL A 82 -0.40 2.68 -5.90
C VAL A 82 -1.65 1.86 -6.27
N LYS A 83 -1.77 1.50 -7.57
CA LYS A 83 -2.81 0.61 -8.11
C LYS A 83 -2.14 -0.78 -8.14
N PHE A 84 -2.69 -1.75 -7.37
CA PHE A 84 -2.19 -3.10 -7.27
C PHE A 84 -3.19 -4.08 -7.90
N TRP A 85 -2.69 -5.11 -8.58
CA TRP A 85 -3.44 -6.23 -9.12
C TRP A 85 -2.90 -7.39 -8.27
N ALA A 86 -3.64 -7.77 -7.21
CA ALA A 86 -3.21 -8.78 -6.26
C ALA A 86 -3.37 -10.25 -6.73
N ASP A 87 -2.35 -11.08 -6.37
CA ASP A 87 -2.35 -12.49 -6.70
C ASP A 87 -3.08 -13.21 -5.58
N LEU A 88 -4.19 -13.82 -5.93
CA LEU A 88 -5.06 -14.50 -5.01
C LEU A 88 -5.08 -16.01 -5.34
N ASN A 89 -4.16 -16.49 -6.20
CA ASN A 89 -4.14 -17.92 -6.48
C ASN A 89 -3.32 -18.62 -5.39
N THR A 90 -4.00 -19.05 -4.29
CA THR A 90 -3.37 -19.69 -3.14
C THR A 90 -4.34 -20.62 -2.38
N ASN A 91 -3.75 -21.56 -1.57
CA ASN A 91 -4.46 -22.55 -0.75
C ASN A 91 -4.25 -22.24 0.74
N SER A 97 0.16 -23.55 11.01
CA SER A 97 0.67 -23.65 9.64
C SER A 97 0.76 -22.27 8.94
N SER A 98 -0.38 -21.51 8.79
CA SER A 98 -0.41 -20.19 8.11
C SER A 98 0.03 -18.94 8.92
N PHE A 99 0.75 -18.01 8.25
CA PHE A 99 1.15 -16.67 8.71
C PHE A 99 0.82 -15.61 7.62
N TYR A 100 0.08 -14.54 7.95
CA TYR A 100 -0.15 -13.47 6.99
C TYR A 100 0.69 -12.25 7.47
N GLY A 101 1.53 -11.72 6.58
CA GLY A 101 2.46 -10.67 6.95
C GLY A 101 2.81 -9.64 5.90
N VAL A 102 3.30 -8.49 6.36
CA VAL A 102 3.68 -7.37 5.51
C VAL A 102 5.10 -6.99 5.86
N SER A 103 5.97 -6.92 4.85
CA SER A 103 7.35 -6.55 5.06
C SER A 103 7.68 -5.38 4.17
N SER A 104 8.22 -4.31 4.77
CA SER A 104 8.59 -3.10 4.01
C SER A 104 10.02 -2.62 4.36
N GLN A 105 10.64 -1.96 3.40
CA GLN A 105 11.99 -1.49 3.57
C GLN A 105 12.07 -0.06 3.06
N TYR A 106 12.51 0.84 3.94
CA TYR A 106 12.72 2.26 3.65
C TYR A 106 14.19 2.61 3.88
N GLU A 107 14.65 3.64 3.16
CA GLU A 107 15.98 4.22 3.25
C GLU A 107 15.85 5.75 3.35
N SER A 108 16.71 6.37 4.17
CA SER A 108 16.72 7.82 4.40
C SER A 108 18.15 8.34 4.39
N PRO A 109 18.44 9.58 3.95
CA PRO A 109 19.84 10.06 4.06
C PRO A 109 20.14 10.55 5.49
N GLU A 110 19.09 10.76 6.29
CA GLU A 110 19.15 11.25 7.66
C GLU A 110 18.58 10.26 8.67
N ASN A 111 19.16 10.22 9.87
CA ASN A 111 18.74 9.34 10.96
C ASN A 111 17.48 9.91 11.56
N MET A 112 16.43 9.10 11.63
CA MET A 112 15.12 9.50 12.16
C MET A 112 14.46 8.32 12.90
N ILE A 113 13.39 8.62 13.64
CA ILE A 113 12.50 7.67 14.28
C ILE A 113 11.26 7.88 13.46
N ILE A 114 10.85 6.87 12.67
CA ILE A 114 9.70 6.97 11.78
C ILE A 114 8.50 6.26 12.41
N THR A 115 7.31 6.64 12.00
CA THR A 115 6.07 6.02 12.46
C THR A 115 5.27 5.72 11.23
N CYS A 116 4.93 4.46 11.03
CA CYS A 116 4.12 4.14 9.88
C CYS A 116 2.74 3.73 10.32
N SER A 117 1.74 4.57 10.03
CA SER A 117 0.35 4.28 10.35
C SER A 117 -0.37 3.77 9.10
N THR A 118 -1.17 2.68 9.21
CA THR A 118 -1.90 2.06 8.08
C THR A 118 -3.40 2.09 8.38
N LYS A 119 -4.18 2.72 7.52
CA LYS A 119 -5.61 2.84 7.71
C LYS A 119 -6.34 2.06 6.66
N VAL A 120 -7.05 0.96 7.06
CA VAL A 120 -7.85 0.15 6.14
C VAL A 120 -9.25 0.79 6.03
N CYS A 121 -9.65 1.16 4.81
CA CYS A 121 -10.94 1.83 4.61
C CYS A 121 -11.93 1.05 3.76
N SER A 122 -13.18 1.03 4.21
CA SER A 122 -14.29 0.38 3.53
C SER A 122 -15.36 1.44 3.31
N PHE A 123 -15.61 1.77 2.03
CA PHE A 123 -16.53 2.81 1.57
C PHE A 123 -16.09 4.20 2.08
N GLY A 124 -14.78 4.42 2.11
CA GLY A 124 -14.22 5.70 2.54
C GLY A 124 -14.06 5.89 4.03
N LYS A 125 -14.73 5.06 4.85
CA LYS A 125 -14.58 5.20 6.28
C LYS A 125 -13.55 4.16 6.80
N GLN A 126 -12.67 4.62 7.67
CA GLN A 126 -11.63 3.82 8.30
C GLN A 126 -12.26 2.76 9.23
N VAL A 127 -11.93 1.46 8.99
CA VAL A 127 -12.43 0.34 9.78
C VAL A 127 -11.37 -0.16 10.73
N VAL A 128 -10.10 -0.10 10.32
CA VAL A 128 -8.94 -0.63 11.06
C VAL A 128 -7.75 0.34 10.91
N GLU A 129 -6.84 0.30 11.90
CA GLU A 129 -5.64 1.12 11.92
C GLU A 129 -4.57 0.50 12.81
C MYK A 130 -1.02 0.88 12.98
N MYK A 130 -3.33 0.50 12.34
O MYK A 130 -0.79 1.41 11.90
CA MYK A 130 -2.22 -0.03 13.12
CB MYK A 130 -1.76 -1.46 12.74
CD MYK A 130 -2.02 -3.50 11.29
CE MYK A 130 -0.89 -3.96 10.35
CG MYK A 130 -2.12 -1.95 11.32
CI MYK A 130 -1.65 -3.49 4.46
CK MYK A 130 -1.41 -4.86 3.75
CL MYK A 130 -1.80 -4.82 2.24
CM MYK A 130 -2.66 -6.06 1.90
CP MYK A 130 -2.74 -6.27 0.38
CQ MYK A 130 -4.93 -8.14 -1.02
CR MYK A 130 -2.69 -7.78 0.04
CS MYK A 130 -6.37 -7.74 -0.59
CT MYK A 130 -1.25 -3.59 5.96
CU MYK A 130 -4.07 -8.46 0.22
CV MYK A 130 -6.61 -7.09 -3.07
CW MYK A 130 -7.29 -7.77 -1.84
CX MYK A 130 -2.22 -4.29 8.27
OX MYK A 130 -2.90 -5.19 8.76
CY MYK A 130 -2.49 -3.85 6.84
NZ MYK A 130 -1.23 -3.64 8.96
N VAL A 131 -0.26 1.07 14.06
CA VAL A 131 0.97 1.83 13.96
C VAL A 131 2.18 0.95 14.21
N GLU A 132 3.30 1.31 13.59
CA GLU A 132 4.64 0.71 13.72
C GLU A 132 5.55 1.93 13.90
N THR A 133 6.60 1.78 14.69
CA THR A 133 7.58 2.82 14.93
C THR A 133 8.92 2.13 14.69
N GLU A 134 9.75 2.70 13.80
CA GLU A 134 11.06 2.15 13.46
C GLU A 134 12.20 3.13 13.65
N TYR A 135 13.26 2.65 14.31
CA TYR A 135 14.50 3.38 14.54
C TYR A 135 15.43 3.05 13.39
N ALA A 136 16.28 3.99 13.00
CA ALA A 136 17.20 3.82 11.87
C ALA A 136 18.32 2.90 12.21
N ARG A 137 18.72 2.08 11.24
CA ARG A 137 19.87 1.18 11.35
C ARG A 137 20.83 1.75 10.36
N TYR A 138 22.01 2.13 10.83
CA TYR A 138 23.01 2.70 9.94
C TYR A 138 23.54 1.59 9.02
N GLU A 139 23.59 1.87 7.72
CA GLU A 139 24.03 0.91 6.71
C GLU A 139 24.78 1.64 5.61
N ASN A 140 26.11 1.49 5.55
CA ASN A 140 26.99 1.99 4.48
C ASN A 140 26.78 3.48 4.11
N GLY A 141 26.54 4.34 5.09
CA GLY A 141 26.32 5.76 4.85
C GLY A 141 24.87 6.13 4.62
N HIS A 142 23.99 5.09 4.49
CA HIS A 142 22.52 5.16 4.28
C HIS A 142 21.91 4.86 5.68
N TYR A 143 20.61 5.16 5.84
CA TYR A 143 19.87 4.88 7.07
C TYR A 143 18.68 3.99 6.73
N SER A 144 18.69 2.72 7.19
CA SER A 144 17.63 1.71 6.91
C SER A 144 16.54 1.56 7.95
N TYR A 145 15.31 1.39 7.46
CA TYR A 145 14.14 1.11 8.29
C TYR A 145 13.50 -0.11 7.64
N ARG A 146 13.55 -1.29 8.32
CA ARG A 146 12.99 -2.55 7.84
C ARG A 146 11.93 -3.03 8.82
N ILE A 147 10.66 -3.08 8.34
CA ILE A 147 9.47 -3.55 9.04
C ILE A 147 9.39 -4.99 8.58
N HIS A 148 9.90 -5.88 9.39
CA HIS A 148 10.01 -7.28 9.02
C HIS A 148 8.88 -8.14 9.57
N ARG A 149 8.05 -8.72 8.64
CA ARG A 149 6.89 -9.60 8.92
C ARG A 149 5.87 -9.01 9.91
N SER A 150 5.41 -7.81 9.64
CA SER A 150 4.41 -7.16 10.45
C SER A 150 3.13 -7.99 10.23
N PRO A 151 2.60 -8.69 11.28
CA PRO A 151 1.43 -9.53 11.04
C PRO A 151 0.25 -8.75 10.49
N LEU A 152 -0.39 -9.34 9.47
CA LEU A 152 -1.56 -8.77 8.81
C LEU A 152 -2.69 -8.83 9.81
N CYS A 153 -3.52 -7.76 9.86
CA CYS A 153 -4.62 -7.72 10.82
C CYS A 153 -5.72 -8.73 10.47
N GLU A 154 -6.53 -9.06 11.47
CA GLU A 154 -7.61 -10.01 11.34
C GLU A 154 -8.63 -9.57 10.30
N TYR A 155 -8.86 -8.24 10.17
CA TYR A 155 -9.79 -7.68 9.18
C TYR A 155 -9.39 -8.12 7.77
N MET A 156 -8.10 -7.91 7.43
CA MET A 156 -7.49 -8.22 6.14
C MET A 156 -7.51 -9.71 5.85
N ILE A 157 -7.12 -10.54 6.84
CA ILE A 157 -7.09 -12.00 6.71
C ILE A 157 -8.51 -12.50 6.47
N ASN A 158 -9.50 -11.92 7.16
CA ASN A 158 -10.91 -12.29 6.94
C ASN A 158 -11.49 -11.69 5.65
N PHE A 159 -10.89 -10.61 5.12
CA PHE A 159 -11.29 -9.97 3.87
C PHE A 159 -10.76 -10.74 2.70
N ILE A 160 -9.54 -11.30 2.82
CA ILE A 160 -8.91 -12.13 1.79
C ILE A 160 -9.73 -13.43 1.68
N HIS A 161 -10.20 -13.94 2.83
CA HIS A 161 -11.02 -15.14 2.93
C HIS A 161 -12.37 -14.98 2.25
N LYS A 162 -13.07 -13.88 2.52
CA LYS A 162 -14.39 -13.61 1.94
C LYS A 162 -14.33 -13.46 0.43
N LEU A 163 -13.29 -12.78 -0.10
CA LEU A 163 -13.09 -12.57 -1.54
C LEU A 163 -12.99 -13.89 -2.27
N LYS A 164 -12.18 -14.84 -1.74
CA LYS A 164 -11.91 -16.16 -2.30
C LYS A 164 -13.15 -17.04 -2.42
N HIS A 165 -14.18 -16.74 -1.60
CA HIS A 165 -15.48 -17.43 -1.61
C HIS A 165 -16.38 -17.05 -2.76
N LEU A 166 -16.18 -15.84 -3.35
CA LEU A 166 -16.93 -15.39 -4.52
C LEU A 166 -16.40 -16.27 -5.68
N PRO A 167 -17.31 -16.73 -6.56
CA PRO A 167 -16.89 -17.71 -7.58
C PRO A 167 -16.25 -17.16 -8.86
N GLU A 168 -16.45 -15.86 -9.18
CA GLU A 168 -15.93 -15.21 -10.38
C GLU A 168 -15.17 -13.92 -9.99
N LYS A 169 -14.06 -13.59 -10.69
CA LYS A 169 -13.22 -12.40 -10.36
C LYS A 169 -13.94 -11.04 -10.53
N TYR A 170 -15.04 -10.96 -11.33
CA TYR A 170 -15.80 -9.72 -11.50
C TYR A 170 -16.50 -9.33 -10.20
N MET A 171 -16.98 -10.35 -9.47
CA MET A 171 -17.64 -10.23 -8.17
C MET A 171 -16.62 -9.73 -7.14
N MET A 172 -15.36 -10.26 -7.21
CA MET A 172 -14.20 -9.91 -6.34
C MET A 172 -13.75 -8.48 -6.52
N ASN A 173 -13.65 -8.00 -7.78
CA ASN A 173 -13.25 -6.64 -8.12
C ASN A 173 -14.31 -5.67 -7.71
N SER A 174 -15.59 -6.07 -7.82
CA SER A 174 -16.74 -5.24 -7.45
C SER A 174 -16.63 -4.82 -5.98
N VAL A 175 -16.12 -5.73 -5.10
CA VAL A 175 -15.93 -5.52 -3.66
C VAL A 175 -14.82 -4.49 -3.42
N LEU A 176 -13.72 -4.61 -4.19
CA LEU A 176 -12.50 -3.81 -4.15
C LEU A 176 -12.61 -2.37 -4.72
N GLU A 177 -13.80 -2.01 -5.22
CA GLU A 177 -14.12 -0.69 -5.79
C GLU A 177 -14.59 0.25 -4.65
N ASN A 178 -14.59 -0.27 -3.39
CA ASN A 178 -15.03 0.42 -2.17
C ASN A 178 -14.16 -0.01 -0.99
N PHE A 179 -12.96 -0.46 -1.32
CA PHE A 179 -11.93 -0.92 -0.40
C PHE A 179 -10.60 -0.31 -0.83
N THR A 180 -9.96 0.39 0.11
CA THR A 180 -8.69 1.09 -0.04
C THR A 180 -7.87 0.99 1.26
N ILE A 181 -6.60 1.38 1.18
CA ILE A 181 -5.69 1.40 2.33
C ILE A 181 -4.88 2.69 2.19
N LEU A 182 -4.61 3.37 3.31
CA LEU A 182 -3.81 4.57 3.33
C LEU A 182 -2.68 4.32 4.26
N GLN A 183 -1.46 4.52 3.78
CA GLN A 183 -0.27 4.35 4.59
C GLN A 183 0.41 5.73 4.76
N VAL A 184 0.53 6.20 6.02
CA VAL A 184 1.23 7.48 6.29
C VAL A 184 2.48 7.22 7.16
N VAL A 185 3.67 7.33 6.53
CA VAL A 185 4.96 7.23 7.21
C VAL A 185 5.32 8.67 7.61
N THR A 186 5.58 8.89 8.92
CA THR A 186 5.77 10.20 9.54
C THR A 186 7.06 10.27 10.40
N ASN A 187 7.72 11.44 10.43
CA ASN A 187 8.89 11.64 11.27
C ASN A 187 8.31 11.84 12.67
N ARG A 188 8.44 10.84 13.55
CA ARG A 188 7.82 10.83 14.87
C ARG A 188 8.00 12.11 15.68
N ASP A 189 9.24 12.62 15.78
CA ASP A 189 9.56 13.83 16.55
C ASP A 189 9.07 15.14 15.92
N THR A 190 9.06 15.23 14.57
CA THR A 190 8.70 16.46 13.85
C THR A 190 7.27 16.44 13.26
N GLN A 191 6.63 15.27 13.21
CA GLN A 191 5.29 14.99 12.65
C GLN A 191 5.19 15.33 11.13
N GLU A 192 6.38 15.49 10.48
CA GLU A 192 6.46 15.74 9.03
C GLU A 192 6.02 14.49 8.27
N THR A 193 5.19 14.65 7.21
CA THR A 193 4.81 13.54 6.33
C THR A 193 6.04 13.21 5.49
N LEU A 194 6.61 11.99 5.73
CA LEU A 194 7.78 11.46 5.04
C LEU A 194 7.35 10.83 3.75
N LEU A 195 6.29 10.01 3.79
CA LEU A 195 5.67 9.37 2.63
C LEU A 195 4.20 9.06 2.94
N CYS A 196 3.32 9.36 1.98
CA CYS A 196 1.92 9.01 2.10
C CYS A 196 1.42 8.27 0.84
N ILE A 197 1.25 6.93 0.98
CA ILE A 197 0.83 6.04 -0.11
C ILE A 197 -0.63 5.65 0.05
N ALA A 198 -1.42 5.90 -1.00
CA ALA A 198 -2.83 5.53 -1.12
C ALA A 198 -2.83 4.23 -1.95
N TYR A 199 -3.52 3.18 -1.46
CA TYR A 199 -3.58 1.88 -2.16
C TYR A 199 -4.96 1.50 -2.64
N VAL A 200 -5.07 1.21 -3.94
CA VAL A 200 -6.32 0.72 -4.55
C VAL A 200 -6.05 -0.68 -5.14
N PHE A 201 -7.08 -1.54 -5.16
CA PHE A 201 -6.85 -2.90 -5.62
C PHE A 201 -7.82 -3.41 -6.65
N GLU A 202 -7.34 -4.36 -7.45
CA GLU A 202 -8.04 -5.21 -8.42
C GLU A 202 -7.41 -6.61 -8.24
N VAL A 203 -8.05 -7.65 -8.84
CA VAL A 203 -7.57 -9.04 -8.82
C VAL A 203 -6.68 -9.26 -10.08
N SER A 204 -5.48 -9.86 -9.91
CA SER A 204 -4.58 -10.11 -11.05
C SER A 204 -5.11 -11.26 -11.95
N ALA A 205 -4.94 -11.12 -13.29
CA ALA A 205 -5.32 -12.08 -14.34
C ALA A 205 -4.07 -12.41 -15.16
N SER A 206 -2.92 -11.84 -14.74
CA SER A 206 -1.61 -12.00 -15.38
C SER A 206 -0.98 -13.35 -15.11
N GLU A 207 -0.37 -13.91 -16.15
CA GLU A 207 0.36 -15.16 -16.03
C GLU A 207 1.74 -14.90 -15.36
N HIS A 208 2.10 -13.62 -15.07
CA HIS A 208 3.43 -13.28 -14.50
C HIS A 208 3.39 -12.74 -13.05
N GLY A 209 2.32 -13.10 -12.34
CA GLY A 209 2.12 -12.72 -10.95
C GLY A 209 1.53 -11.34 -10.75
N ALA A 210 1.48 -10.90 -9.46
CA ALA A 210 0.93 -9.63 -9.03
C ALA A 210 1.62 -8.48 -9.77
N GLN A 211 0.81 -7.54 -10.29
CA GLN A 211 1.27 -6.37 -11.04
C GLN A 211 0.89 -5.11 -10.25
N HIS A 212 1.43 -3.94 -10.67
CA HIS A 212 1.18 -2.66 -10.04
C HIS A 212 1.50 -1.46 -10.96
N HIS A 213 0.87 -0.31 -10.67
CA HIS A 213 1.12 0.95 -11.35
C HIS A 213 1.29 2.03 -10.28
N ILE A 214 2.45 2.73 -10.27
CA ILE A 214 2.66 3.80 -9.30
C ILE A 214 2.36 5.15 -9.98
N TYR A 215 1.59 5.98 -9.29
CA TYR A 215 1.23 7.31 -9.75
C TYR A 215 1.61 8.33 -8.72
N ARG A 216 2.05 9.50 -9.16
CA ARG A 216 2.33 10.63 -8.27
C ARG A 216 1.01 11.37 -8.14
N LEU A 217 0.56 11.66 -6.88
CA LEU A 217 -0.69 12.39 -6.58
C LEU A 217 -0.46 13.92 -6.67
N VAL A 218 -1.24 14.61 -7.50
CA VAL A 218 -1.13 16.05 -7.71
C VAL A 218 -2.52 16.73 -7.63
N LYS A 219 -2.61 18.10 -7.71
CA LYS A 219 -3.90 18.79 -7.70
C LYS A 219 -4.46 19.05 -9.11
C ACE B 1 -19.69 7.66 -7.44
O ACE B 1 -20.33 6.68 -7.87
CH3 ACE B 1 -19.80 8.09 -5.99
N VAL B 2 -18.89 8.41 -8.20
CA VAL B 2 -18.66 8.19 -9.63
C VAL B 2 -17.95 6.82 -9.87
N PRO B 3 -18.39 5.96 -10.85
CA PRO B 3 -17.73 4.66 -11.06
C PRO B 3 -16.23 4.82 -11.27
N LEU B 4 -15.39 3.92 -10.69
CA LEU B 4 -13.94 4.05 -10.83
C LEU B 4 -13.49 4.15 -12.29
N ARG B 5 -14.10 3.37 -13.22
CA ARG B 5 -13.78 3.45 -14.64
C ARG B 5 -14.19 4.79 -15.32
N ALA B 6 -15.14 5.54 -14.72
CA ALA B 6 -15.65 6.82 -15.23
C ALA B 6 -14.95 8.08 -14.66
N ARG B 7 -13.99 7.90 -13.73
CA ARG B 7 -13.24 8.98 -13.10
C ARG B 7 -12.04 9.41 -13.96
N ASN B 8 -11.58 10.66 -13.77
CA ASN B 8 -10.44 11.29 -14.49
C ASN B 8 -9.11 10.68 -14.03
N LEU B 9 -8.81 9.47 -14.53
CA LEU B 9 -7.59 8.72 -14.18
C LEU B 9 -6.92 8.22 -15.47
N PRO B 10 -5.54 8.09 -15.52
CA PRO B 10 -4.89 7.58 -16.74
C PRO B 10 -5.40 6.22 -17.21
N PRO B 11 -5.43 5.95 -18.54
CA PRO B 11 -5.98 4.68 -19.05
C PRO B 11 -5.37 3.40 -18.49
N SER B 12 -4.10 3.50 -18.03
CA SER B 12 -3.29 2.43 -17.45
C SER B 12 -3.83 1.95 -16.12
N PHE B 13 -4.60 2.81 -15.43
CA PHE B 13 -5.20 2.48 -14.14
C PHE B 13 -6.03 1.20 -14.25
N PHE B 14 -6.75 1.05 -15.39
CA PHE B 14 -7.60 -0.09 -15.68
C PHE B 14 -6.92 -1.13 -16.57
N THR B 15 -5.70 -0.85 -17.06
CA THR B 15 -4.90 -1.77 -17.91
C THR B 15 -3.70 -2.38 -17.14
N GLU B 16 -3.93 -3.60 -16.59
CA GLU B 16 -2.93 -4.37 -15.85
C GLU B 16 -1.66 -4.59 -16.71
N PRO B 17 -0.44 -4.39 -16.16
CA PRO B 17 0.78 -4.64 -16.96
C PRO B 17 0.97 -6.13 -17.28
N NH2 B 18 1.73 -6.44 -18.34
#